data_5NC7
#
_entry.id   5NC7
#
_cell.length_a   187.960
_cell.length_b   34.430
_cell.length_c   110.990
_cell.angle_alpha   90.00
_cell.angle_beta   91.53
_cell.angle_gamma   90.00
#
_symmetry.space_group_name_H-M   'C 1 2 1'
#
loop_
_entity.id
_entity.type
_entity.pdbx_description
1 polymer 'Protein enabled homolog'
2 polymer 'ActA-derived 10-mer Ac-FPPPPTEDEL-NH2 with acetylated (Ac) and amidated (NH2) termini. Phe is substitued by Trp to increase affinity for crystallization'
3 water water
#
loop_
_entity_poly.entity_id
_entity_poly.type
_entity_poly.pdbx_seq_one_letter_code
_entity_poly.pdbx_strand_id
1 'polypeptide(L)'
;GSMSEQSICQARAAVMVYDDANKKWVPAGGSTGFSRVHIYHHTGNNTFRVVGRKIQDHQVVINCAIPKGLKYNQATQTFH
QWRDARQVYGLNFGSKEDANVFASAMMHALEVL
;
A,B,C,D
2 'polypeptide(L)' (ACE)WPPPPTEDEL(NH2) K,I,J,L,Z,X,Y,W
#
# COMPACT_ATOMS: atom_id res chain seq x y z
N GLU A 5 -20.40 4.65 -1.24
CA GLU A 5 -19.58 4.09 -0.16
C GLU A 5 -20.43 3.87 1.10
N GLN A 6 -20.27 2.71 1.73
CA GLN A 6 -21.16 2.24 2.79
C GLN A 6 -20.47 2.19 4.13
N SER A 7 -21.16 2.69 5.15
CA SER A 7 -20.66 2.57 6.52
C SER A 7 -21.17 1.25 7.07
N ILE A 8 -20.27 0.31 7.32
CA ILE A 8 -20.70 -0.97 7.83
C ILE A 8 -20.66 -1.03 9.35
N CYS A 9 -20.09 -0.02 10.02
CA CYS A 9 -20.24 0.08 11.46
C CYS A 9 -19.89 1.49 11.90
N GLN A 10 -20.27 1.79 13.13
CA GLN A 10 -20.09 3.09 13.75
C GLN A 10 -19.84 2.79 15.21
N ALA A 11 -18.67 3.16 15.71
CA ALA A 11 -18.41 2.97 17.13
C ALA A 11 -17.81 4.24 17.69
N ARG A 12 -17.81 4.33 19.01
CA ARG A 12 -17.34 5.51 19.73
C ARG A 12 -15.99 5.21 20.33
N ALA A 13 -14.97 6.00 19.96
CA ALA A 13 -13.65 5.69 20.48
C ALA A 13 -12.77 6.91 20.46
N ALA A 14 -11.79 6.91 21.35
CA ALA A 14 -10.69 7.87 21.30
C ALA A 14 -9.60 7.37 20.34
N VAL A 15 -9.43 8.08 19.23
CA VAL A 15 -8.48 7.70 18.19
C VAL A 15 -7.11 8.24 18.54
N MET A 16 -6.07 7.42 18.40
CA MET A 16 -4.73 7.76 18.88
C MET A 16 -3.67 7.24 17.93
N VAL A 17 -2.48 7.87 17.98
CA VAL A 17 -1.34 7.38 17.22
C VAL A 17 -0.14 7.33 18.15
N TYR A 18 0.77 6.39 17.88
CA TYR A 18 1.90 6.20 18.78
C TYR A 18 3.10 7.00 18.29
N ASP A 19 3.64 7.82 19.18
CA ASP A 19 4.82 8.65 18.97
C ASP A 19 6.02 7.81 19.37
N ASP A 20 6.61 7.12 18.39
CA ASP A 20 7.74 6.23 18.63
C ASP A 20 8.86 6.93 19.37
N ALA A 21 9.24 8.12 18.88
CA ALA A 21 10.34 8.90 19.44
C ALA A 21 10.20 9.14 20.94
N ASN A 22 9.00 9.48 21.40
CA ASN A 22 8.78 9.77 22.81
C ASN A 22 8.10 8.63 23.53
N LYS A 23 7.89 7.51 22.86
CA LYS A 23 7.27 6.33 23.44
C LYS A 23 6.04 6.69 24.28
N LYS A 24 5.11 7.35 23.61
CA LYS A 24 3.86 7.72 24.25
C LYS A 24 2.78 7.89 23.18
N TRP A 25 1.53 7.59 23.58
CA TRP A 25 0.37 7.76 22.72
C TRP A 25 -0.16 9.20 22.71
N VAL A 26 -0.46 9.70 21.51
CA VAL A 26 -0.96 11.07 21.35
C VAL A 26 -2.32 11.12 20.62
N PRO A 27 -3.16 12.10 20.93
CA PRO A 27 -4.51 12.15 20.31
C PRO A 27 -4.44 12.46 18.83
N ALA A 28 -4.94 11.54 18.01
CA ALA A 28 -4.93 11.79 16.58
C ALA A 28 -5.69 13.08 16.29
N GLY A 29 -5.06 13.95 15.52
CA GLY A 29 -5.57 15.29 15.25
C GLY A 29 -5.15 16.36 16.23
N GLY A 30 -4.49 15.99 17.33
CA GLY A 30 -3.97 16.93 18.31
C GLY A 30 -4.79 17.14 19.55
N SER A 31 -6.02 16.61 19.64
CA SER A 31 -6.90 16.90 20.77
C SER A 31 -7.51 15.63 21.35
N THR A 32 -7.35 15.45 22.65
CA THR A 32 -7.93 14.31 23.31
C THR A 32 -9.46 14.42 23.31
N GLY A 33 -10.13 13.28 23.12
CA GLY A 33 -11.59 13.23 23.04
C GLY A 33 -12.11 12.10 22.19
N PHE A 34 -13.39 11.78 22.39
CA PHE A 34 -14.01 10.68 21.66
C PHE A 34 -14.44 11.08 20.27
N SER A 35 -14.39 10.13 19.36
CA SER A 35 -14.79 10.31 17.97
C SER A 35 -15.77 9.20 17.57
N ARG A 36 -16.53 9.46 16.51
CA ARG A 36 -17.32 8.42 15.85
C ARG A 36 -16.47 7.82 14.75
N VAL A 37 -16.20 6.52 14.86
CA VAL A 37 -15.27 5.81 13.98
C VAL A 37 -16.07 4.83 13.12
N HIS A 38 -15.99 5.01 11.80
CA HIS A 38 -16.65 4.11 10.86
C HIS A 38 -15.62 3.24 10.14
N ILE A 39 -16.09 2.10 9.66
CA ILE A 39 -15.39 1.38 8.61
C ILE A 39 -16.25 1.51 7.36
N TYR A 40 -15.69 2.16 6.34
CA TYR A 40 -16.40 2.42 5.10
C TYR A 40 -16.00 1.37 4.09
N HIS A 41 -16.98 0.92 3.32
CA HIS A 41 -16.79 -0.07 2.26
C HIS A 41 -17.11 0.56 0.93
N HIS A 42 -16.13 0.60 0.05
CA HIS A 42 -16.36 1.00 -1.33
C HIS A 42 -17.02 -0.17 -2.09
N THR A 43 -18.25 0.03 -2.54
CA THR A 43 -19.00 -1.08 -3.13
C THR A 43 -18.34 -1.57 -4.42
N GLY A 44 -17.92 -0.64 -5.28
CA GLY A 44 -17.33 -1.06 -6.55
C GLY A 44 -15.98 -1.72 -6.38
N ASN A 45 -15.07 -1.06 -5.67
CA ASN A 45 -13.69 -1.51 -5.64
C ASN A 45 -13.44 -2.59 -4.61
N ASN A 46 -14.40 -2.85 -3.72
CA ASN A 46 -14.19 -3.73 -2.58
C ASN A 46 -13.00 -3.28 -1.76
N THR A 47 -12.97 -2.00 -1.41
CA THR A 47 -11.93 -1.47 -0.55
C THR A 47 -12.56 -0.97 0.74
N PHE A 48 -11.79 -1.02 1.82
CA PHE A 48 -12.25 -0.62 3.14
C PHE A 48 -11.29 0.42 3.68
N ARG A 49 -11.82 1.37 4.45
CA ARG A 49 -10.96 2.28 5.19
C ARG A 49 -11.60 2.66 6.51
N VAL A 50 -10.76 3.01 7.48
CA VAL A 50 -11.25 3.54 8.77
C VAL A 50 -11.28 5.07 8.70
N VAL A 51 -12.45 5.65 8.99
CA VAL A 51 -12.68 7.09 9.01
C VAL A 51 -13.34 7.45 10.34
N GLY A 52 -12.78 8.46 11.01
CA GLY A 52 -13.33 8.89 12.28
C GLY A 52 -13.31 10.40 12.47
N ARG A 53 -14.43 10.95 12.97
CA ARG A 53 -14.55 12.37 13.27
C ARG A 53 -14.85 12.57 14.75
N LYS A 54 -14.19 13.56 15.33
CA LYS A 54 -14.41 13.89 16.72
C LYS A 54 -15.86 14.31 16.93
N ILE A 55 -16.40 13.96 18.09
CA ILE A 55 -17.82 14.21 18.35
C ILE A 55 -18.10 15.69 18.59
N GLN A 56 -17.21 16.38 19.32
CA GLN A 56 -17.40 17.80 19.63
C GLN A 56 -17.34 18.67 18.39
N ASP A 57 -16.19 18.71 17.71
CA ASP A 57 -15.92 19.63 16.61
C ASP A 57 -15.99 18.99 15.23
N HIS A 58 -16.20 17.67 15.14
CA HIS A 58 -16.29 16.93 13.87
C HIS A 58 -14.98 16.90 13.07
N GLN A 59 -13.84 17.11 13.71
CA GLN A 59 -12.58 17.05 13.00
C GLN A 59 -12.31 15.65 12.51
N VAL A 60 -11.86 15.56 11.26
CA VAL A 60 -11.45 14.25 10.76
C VAL A 60 -10.13 13.92 11.45
N VAL A 61 -10.13 12.91 12.33
CA VAL A 61 -8.93 12.58 13.08
C VAL A 61 -8.26 11.32 12.57
N ILE A 62 -8.92 10.54 11.71
CA ILE A 62 -8.32 9.35 11.11
C ILE A 62 -9.02 9.05 9.79
N ASN A 63 -8.22 8.66 8.82
CA ASN A 63 -8.73 8.36 7.51
C ASN A 63 -7.72 7.51 6.78
N CYS A 64 -7.58 6.24 7.13
CA CYS A 64 -6.58 5.43 6.45
C CYS A 64 -7.18 4.15 5.92
N ALA A 65 -6.61 3.70 4.80
CA ALA A 65 -7.11 2.51 4.11
C ALA A 65 -6.79 1.24 4.90
N ILE A 66 -7.67 0.25 4.75
CA ILE A 66 -7.48 -1.07 5.33
C ILE A 66 -7.00 -2.06 4.27
N PRO A 67 -5.72 -2.40 4.24
CA PRO A 67 -5.22 -3.31 3.20
C PRO A 67 -5.38 -4.78 3.52
N LYS A 68 -5.53 -5.57 2.45
CA LYS A 68 -5.57 -7.01 2.56
C LYS A 68 -4.33 -7.50 3.30
N GLY A 69 -4.51 -8.12 4.45
CA GLY A 69 -3.36 -8.64 5.15
C GLY A 69 -3.10 -7.99 6.48
N LEU A 70 -3.83 -6.92 6.80
CA LEU A 70 -3.60 -6.14 8.00
C LEU A 70 -3.65 -7.02 9.25
N LYS A 71 -2.67 -6.85 10.12
CA LYS A 71 -2.73 -7.43 11.46
C LYS A 71 -3.50 -6.44 12.34
N TYR A 72 -4.67 -6.86 12.80
CA TYR A 72 -5.49 -6.07 13.70
C TYR A 72 -5.32 -6.67 15.08
N ASN A 73 -4.75 -5.92 16.00
CA ASN A 73 -4.33 -6.40 17.31
C ASN A 73 -5.30 -5.91 18.35
N GLN A 74 -5.90 -6.84 19.09
CA GLN A 74 -6.82 -6.50 20.17
C GLN A 74 -6.06 -6.55 21.49
N ALA A 75 -5.32 -5.49 21.76
CA ALA A 75 -4.45 -5.47 22.94
C ALA A 75 -5.24 -5.79 24.20
N THR A 76 -6.28 -5.02 24.46
CA THR A 76 -7.23 -5.25 25.54
C THR A 76 -8.63 -5.34 24.94
N GLN A 77 -9.61 -5.61 25.79
CA GLN A 77 -10.95 -5.64 25.25
C GLN A 77 -11.46 -4.28 24.82
N THR A 78 -10.81 -3.19 25.22
CA THR A 78 -11.27 -1.87 24.83
C THR A 78 -10.25 -1.06 24.05
N PHE A 79 -9.03 -1.57 23.86
CA PHE A 79 -8.03 -0.89 23.05
C PHE A 79 -7.51 -1.82 21.95
N HIS A 80 -7.75 -1.44 20.71
CA HIS A 80 -7.25 -2.17 19.55
C HIS A 80 -6.30 -1.29 18.74
N GLN A 81 -5.37 -1.91 18.01
CA GLN A 81 -4.39 -1.16 17.26
C GLN A 81 -4.01 -1.87 15.97
N TRP A 82 -3.57 -1.07 15.01
CA TRP A 82 -2.97 -1.60 13.81
C TRP A 82 -1.99 -0.55 13.32
N ARG A 83 -1.16 -0.93 12.36
CA ARG A 83 -0.09 -0.06 11.91
C ARG A 83 -0.05 -0.01 10.39
N ASP A 84 0.57 1.03 9.87
CA ASP A 84 0.85 1.09 8.44
C ASP A 84 2.33 1.44 8.30
N ALA A 85 2.73 1.91 7.12
CA ALA A 85 4.12 2.22 6.87
C ALA A 85 4.61 3.46 7.62
N ARG A 86 3.71 4.28 8.18
CA ARG A 86 4.12 5.47 8.91
C ARG A 86 3.87 5.38 10.41
N GLN A 87 2.67 5.02 10.85
CA GLN A 87 2.35 5.08 12.27
C GLN A 87 1.61 3.83 12.74
N VAL A 88 1.49 3.72 14.06
CA VAL A 88 0.60 2.79 14.74
C VAL A 88 -0.60 3.54 15.27
N TYR A 89 -1.81 3.09 14.89
CA TYR A 89 -3.06 3.71 15.26
C TYR A 89 -3.74 2.93 16.37
N GLY A 90 -4.37 3.64 17.31
CA GLY A 90 -5.08 3.00 18.40
C GLY A 90 -6.49 3.52 18.52
N LEU A 91 -7.39 2.62 18.92
CA LEU A 91 -8.77 2.96 19.26
C LEU A 91 -8.99 2.57 20.72
N ASN A 92 -9.23 3.56 21.57
CA ASN A 92 -9.65 3.29 22.94
C ASN A 92 -11.16 3.48 22.98
N PHE A 93 -11.88 2.37 22.94
CA PHE A 93 -13.31 2.41 22.67
C PHE A 93 -14.08 2.81 23.92
N GLY A 94 -15.18 3.52 23.71
CA GLY A 94 -15.97 3.92 24.86
C GLY A 94 -16.57 2.76 25.63
N SER A 95 -16.84 1.64 24.97
CA SER A 95 -17.42 0.50 25.68
C SER A 95 -16.92 -0.80 25.07
N LYS A 96 -17.02 -1.85 25.86
CA LYS A 96 -16.70 -3.20 25.40
C LYS A 96 -17.59 -3.61 24.23
N GLU A 97 -18.85 -3.14 24.17
CA GLU A 97 -19.66 -3.44 23.00
C GLU A 97 -19.14 -2.71 21.77
N ASP A 98 -18.78 -1.44 21.94
CA ASP A 98 -18.17 -0.66 20.85
C ASP A 98 -16.99 -1.40 20.24
N ALA A 99 -16.08 -1.88 21.10
CA ALA A 99 -14.91 -2.58 20.61
C ALA A 99 -15.28 -3.86 19.85
N ASN A 100 -16.26 -4.61 20.36
CA ASN A 100 -16.59 -5.88 19.71
C ASN A 100 -17.18 -5.66 18.33
N VAL A 101 -18.13 -4.74 18.19
CA VAL A 101 -18.76 -4.57 16.89
C VAL A 101 -17.76 -4.02 15.88
N PHE A 102 -16.88 -3.11 16.32
CA PHE A 102 -15.82 -2.64 15.45
C PHE A 102 -14.89 -3.77 15.06
N ALA A 103 -14.46 -4.58 16.04
CA ALA A 103 -13.58 -5.71 15.72
C ALA A 103 -14.25 -6.69 14.77
N SER A 104 -15.53 -7.02 15.00
CA SER A 104 -16.31 -7.83 14.08
C SER A 104 -16.28 -7.27 12.67
N ALA A 105 -16.65 -6.01 12.52
CA ALA A 105 -16.58 -5.37 11.21
C ALA A 105 -15.18 -5.44 10.62
N MET A 106 -14.15 -5.24 11.46
CA MET A 106 -12.76 -5.31 10.96
C MET A 106 -12.42 -6.71 10.44
N MET A 107 -12.62 -7.74 11.28
CA MET A 107 -12.23 -9.09 10.90
C MET A 107 -13.01 -9.56 9.67
N HIS A 108 -14.27 -9.14 9.54
CA HIS A 108 -15.01 -9.47 8.33
C HIS A 108 -14.41 -8.77 7.12
N ALA A 109 -14.07 -7.49 7.25
CA ALA A 109 -13.48 -6.76 6.12
C ALA A 109 -12.17 -7.40 5.65
N LEU A 110 -11.40 -7.98 6.57
CA LEU A 110 -10.15 -8.62 6.20
C LEU A 110 -10.40 -9.93 5.47
N GLU A 111 -11.45 -10.66 5.87
CA GLU A 111 -11.85 -11.87 5.14
C GLU A 111 -12.31 -11.53 3.73
N VAL A 112 -12.98 -10.40 3.58
CA VAL A 112 -13.60 -9.99 2.31
C VAL A 112 -12.58 -9.37 1.35
N LEU A 113 -11.42 -8.97 1.84
CA LEU A 113 -10.39 -8.40 0.99
C LEU A 113 -9.60 -9.50 0.32
N SER B 4 16.19 -4.80 -16.56
CA SER B 4 15.43 -3.55 -16.62
C SER B 4 15.33 -2.89 -15.25
N GLU B 5 14.59 -3.51 -14.33
CA GLU B 5 14.55 -3.07 -12.93
C GLU B 5 15.96 -2.95 -12.40
N GLN B 6 16.25 -1.85 -11.70
CA GLN B 6 17.63 -1.44 -11.42
C GLN B 6 17.97 -1.58 -9.94
N SER B 7 19.14 -2.13 -9.68
CA SER B 7 19.62 -2.25 -8.31
C SER B 7 20.41 -1.00 -7.98
N ILE B 8 19.91 -0.22 -7.02
CA ILE B 8 20.64 0.98 -6.62
C ILE B 8 21.56 0.75 -5.41
N CYS B 9 21.46 -0.40 -4.76
CA CYS B 9 22.39 -0.76 -3.69
C CYS B 9 22.35 -2.25 -3.43
N GLN B 10 23.44 -2.74 -2.86
CA GLN B 10 23.61 -4.15 -2.52
C GLN B 10 24.33 -4.20 -1.18
N ALA B 11 23.65 -4.65 -0.14
CA ALA B 11 24.28 -4.74 1.16
C ALA B 11 24.23 -6.16 1.69
N ARG B 12 24.99 -6.36 2.74
CA ARG B 12 25.11 -7.65 3.42
C ARG B 12 24.38 -7.53 4.75
N ALA B 13 23.24 -8.19 4.86
CA ALA B 13 22.48 -8.09 6.10
C ALA B 13 21.86 -9.43 6.46
N ALA B 14 21.65 -9.58 7.75
CA ALA B 14 20.80 -10.63 8.30
C ALA B 14 19.36 -10.08 8.31
N VAL B 15 18.47 -10.69 7.50
CA VAL B 15 17.09 -10.21 7.36
C VAL B 15 16.19 -10.81 8.43
N MET B 16 15.50 -9.96 9.18
CA MET B 16 14.70 -10.45 10.29
C MET B 16 13.28 -9.93 10.17
N VAL B 17 12.35 -10.68 10.78
CA VAL B 17 11.00 -10.17 11.00
C VAL B 17 10.66 -10.42 12.47
N TYR B 18 9.81 -9.55 13.01
CA TYR B 18 9.50 -9.60 14.42
C TYR B 18 8.28 -10.46 14.66
N ASP B 19 8.45 -11.44 15.54
CA ASP B 19 7.37 -12.32 15.94
C ASP B 19 6.69 -11.55 17.06
N ASP B 20 5.74 -10.71 16.65
CA ASP B 20 5.01 -9.89 17.60
C ASP B 20 4.16 -10.72 18.53
N ALA B 21 4.02 -12.03 18.26
CA ALA B 21 3.29 -12.92 19.16
C ALA B 21 4.18 -13.48 20.27
N ASN B 22 5.41 -13.89 19.98
CA ASN B 22 6.30 -14.35 21.03
C ASN B 22 7.33 -13.32 21.42
N LYS B 23 7.20 -12.09 20.93
CA LYS B 23 8.09 -10.98 21.28
C LYS B 23 9.58 -11.39 21.11
N LYS B 24 9.99 -11.48 19.85
CA LYS B 24 11.24 -12.14 19.50
C LYS B 24 11.51 -11.85 18.02
N TRP B 25 12.78 -11.64 17.67
CA TRP B 25 13.18 -11.51 16.29
C TRP B 25 13.44 -12.88 15.70
N VAL B 26 12.90 -13.13 14.52
CA VAL B 26 13.10 -14.42 13.88
C VAL B 26 13.70 -14.23 12.49
N PRO B 27 14.50 -15.16 12.00
CA PRO B 27 15.12 -15.00 10.67
C PRO B 27 14.09 -15.06 9.56
N ALA B 28 14.01 -13.98 8.79
CA ALA B 28 13.10 -13.97 7.67
C ALA B 28 13.41 -15.14 6.74
N GLY B 29 12.36 -15.89 6.38
CA GLY B 29 12.50 -17.10 5.58
C GLY B 29 12.68 -18.39 6.38
N GLY B 30 12.86 -18.30 7.70
CA GLY B 30 13.04 -19.45 8.56
C GLY B 30 14.48 -19.84 8.89
N SER B 31 15.50 -19.26 8.25
CA SER B 31 16.88 -19.71 8.46
C SER B 31 17.83 -18.57 8.78
N THR B 32 18.55 -18.71 9.88
CA THR B 32 19.57 -17.73 10.24
C THR B 32 20.69 -17.75 9.19
N GLY B 33 21.24 -16.58 8.89
CA GLY B 33 22.29 -16.41 7.90
C GLY B 33 22.21 -15.06 7.22
N PHE B 34 23.31 -14.67 6.57
CA PHE B 34 23.36 -13.39 5.89
C PHE B 34 22.75 -13.47 4.49
N SER B 35 22.20 -12.36 4.03
CA SER B 35 21.66 -12.27 2.67
C SER B 35 22.26 -11.08 1.94
N ARG B 36 22.15 -11.09 0.61
CA ARG B 36 22.39 -9.92 -0.22
C ARG B 36 21.07 -9.19 -0.39
N VAL B 37 21.02 -7.96 0.11
CA VAL B 37 19.80 -7.16 0.12
C VAL B 37 19.95 -6.02 -0.88
N HIS B 38 19.05 -5.97 -1.85
CA HIS B 38 19.02 -4.90 -2.81
C HIS B 38 17.83 -3.99 -2.57
N ILE B 39 17.98 -2.74 -2.98
CA ILE B 39 16.83 -1.87 -3.25
C ILE B 39 16.75 -1.71 -4.77
N TYR B 40 15.68 -2.24 -5.33
CA TYR B 40 15.42 -2.24 -6.75
C TYR B 40 14.52 -1.05 -7.09
N HIS B 41 14.81 -0.43 -8.23
CA HIS B 41 14.04 0.71 -8.72
C HIS B 41 13.39 0.33 -10.02
N HIS B 42 12.06 0.35 -10.05
CA HIS B 42 11.35 0.24 -11.32
C HIS B 42 11.41 1.60 -12.02
N THR B 43 12.17 1.67 -13.12
CA THR B 43 12.39 2.97 -13.74
C THR B 43 11.11 3.50 -14.34
N GLY B 44 10.29 2.62 -14.93
CA GLY B 44 9.07 3.09 -15.55
C GLY B 44 8.08 3.65 -14.55
N ASN B 45 7.79 2.89 -13.49
CA ASN B 45 6.76 3.23 -12.53
C ASN B 45 7.24 4.12 -11.42
N ASN B 46 8.54 4.32 -11.26
CA ASN B 46 9.10 5.02 -10.10
C ASN B 46 8.63 4.38 -8.79
N THR B 47 8.80 3.08 -8.71
CA THR B 47 8.53 2.33 -7.49
C THR B 47 9.80 1.67 -6.99
N PHE B 48 9.87 1.45 -5.70
CA PHE B 48 11.01 0.83 -5.05
C PHE B 48 10.55 -0.36 -4.23
N ARG B 49 11.42 -1.39 -4.14
CA ARG B 49 11.15 -2.50 -3.25
C ARG B 49 12.48 -3.02 -2.71
N VAL B 50 12.44 -3.61 -1.52
CA VAL B 50 13.60 -4.28 -0.94
C VAL B 50 13.52 -5.77 -1.27
N VAL B 51 14.58 -6.31 -1.86
CA VAL B 51 14.67 -7.74 -2.20
C VAL B 51 15.99 -8.30 -1.62
N GLY B 52 15.91 -9.44 -0.94
CA GLY B 52 17.09 -10.06 -0.38
C GLY B 52 17.10 -11.57 -0.56
N ARG B 53 18.26 -12.14 -0.93
CA ARG B 53 18.46 -13.58 -1.09
C ARG B 53 19.55 -14.08 -0.16
N LYS B 54 19.32 -15.22 0.49
CA LYS B 54 20.35 -15.78 1.37
C LYS B 54 21.58 -16.15 0.56
N ILE B 55 22.75 -15.95 1.17
CA ILE B 55 24.01 -16.09 0.44
C ILE B 55 24.30 -17.57 0.15
N GLN B 56 24.03 -18.45 1.11
CA GLN B 56 24.29 -19.87 0.93
C GLN B 56 23.35 -20.49 -0.10
N ASP B 57 22.04 -20.47 0.16
CA ASP B 57 21.09 -21.22 -0.68
C ASP B 57 20.37 -20.39 -1.74
N HIS B 58 20.54 -19.06 -1.74
CA HIS B 58 19.85 -18.11 -2.64
C HIS B 58 18.33 -18.02 -2.41
N GLN B 59 17.81 -18.42 -1.25
CA GLN B 59 16.39 -18.23 -0.97
C GLN B 59 16.03 -16.76 -0.81
N VAL B 60 14.90 -16.38 -1.39
CA VAL B 60 14.35 -15.04 -1.22
C VAL B 60 13.77 -14.96 0.20
N VAL B 61 14.36 -14.11 1.03
CA VAL B 61 13.92 -13.96 2.40
C VAL B 61 13.11 -12.70 2.61
N ILE B 62 13.15 -11.77 1.65
CA ILE B 62 12.39 -10.54 1.73
C ILE B 62 12.21 -10.01 0.31
N ASN B 63 11.02 -9.51 0.06
CA ASN B 63 10.62 -8.98 -1.23
C ASN B 63 9.46 -8.02 -0.99
N CYS B 64 9.78 -6.84 -0.48
CA CYS B 64 8.86 -5.93 0.19
C CYS B 64 8.91 -4.57 -0.50
N ALA B 65 7.74 -4.02 -0.80
CA ALA B 65 7.70 -2.73 -1.48
C ALA B 65 8.02 -1.59 -0.53
N ILE B 66 8.65 -0.55 -1.08
CA ILE B 66 8.90 0.66 -0.31
C ILE B 66 7.87 1.70 -0.69
N PRO B 67 6.86 1.94 0.15
CA PRO B 67 5.82 2.92 -0.18
C PRO B 67 6.24 4.35 0.17
N LYS B 68 5.66 5.31 -0.55
CA LYS B 68 5.88 6.73 -0.24
C LYS B 68 5.53 6.99 1.21
N GLY B 69 6.49 7.51 1.97
CA GLY B 69 6.20 7.87 3.34
C GLY B 69 6.64 6.89 4.40
N LEU B 70 7.37 5.84 4.02
CA LEU B 70 7.83 4.85 4.98
C LEU B 70 8.64 5.50 6.13
N LYS B 71 8.40 5.04 7.36
CA LYS B 71 9.28 5.41 8.48
C LYS B 71 10.37 4.36 8.56
N TYR B 72 11.58 4.76 8.24
CA TYR B 72 12.76 3.92 8.30
C TYR B 72 13.55 4.31 9.52
N ASN B 73 13.66 3.40 10.46
CA ASN B 73 14.21 3.67 11.76
C ASN B 73 15.62 3.09 11.84
N GLN B 74 16.60 3.95 12.09
CA GLN B 74 17.97 3.47 12.22
C GLN B 74 18.27 3.28 13.70
N ALA B 75 17.77 2.16 14.21
CA ALA B 75 17.87 1.90 15.64
C ALA B 75 19.32 2.00 16.09
N THR B 76 20.20 1.24 15.47
CA THR B 76 21.63 1.34 15.74
C THR B 76 22.35 1.61 14.43
N GLN B 77 23.67 1.75 14.51
CA GLN B 77 24.41 1.87 13.26
C GLN B 77 24.43 0.58 12.48
N THR B 78 24.03 -0.53 13.05
CA THR B 78 24.02 -1.76 12.29
C THR B 78 22.66 -2.43 12.20
N PHE B 79 21.65 -1.94 12.88
CA PHE B 79 20.32 -2.51 12.77
C PHE B 79 19.30 -1.45 12.40
N HIS B 80 18.70 -1.61 11.23
CA HIS B 80 17.61 -0.75 10.82
C HIS B 80 16.31 -1.57 10.71
N GLN B 81 15.18 -0.90 10.91
CA GLN B 81 13.92 -1.58 10.89
C GLN B 81 12.86 -0.66 10.31
N TRP B 82 11.86 -1.26 9.71
CA TRP B 82 10.67 -0.56 9.25
C TRP B 82 9.52 -1.55 9.31
N ARG B 83 8.31 -1.03 9.17
CA ARG B 83 7.13 -1.86 9.35
C ARG B 83 6.09 -1.55 8.28
N ASP B 84 5.23 -2.52 8.00
CA ASP B 84 4.08 -2.28 7.14
C ASP B 84 2.86 -2.80 7.89
N ALA B 85 1.73 -2.95 7.16
CA ALA B 85 0.49 -3.39 7.80
C ALA B 85 0.55 -4.81 8.33
N ARG B 86 1.60 -5.58 8.02
CA ARG B 86 1.65 -7.00 8.39
C ARG B 86 2.87 -7.36 9.21
N GLN B 87 4.07 -6.96 8.82
CA GLN B 87 5.29 -7.42 9.47
C GLN B 87 6.10 -6.22 9.98
N VAL B 88 7.00 -6.49 10.91
CA VAL B 88 8.10 -5.57 11.22
C VAL B 88 9.39 -6.23 10.74
N TYR B 89 10.09 -5.55 9.83
CA TYR B 89 11.31 -6.05 9.22
C TYR B 89 12.53 -5.36 9.78
N GLY B 90 13.58 -6.13 10.01
CA GLY B 90 14.84 -5.58 10.47
C GLY B 90 15.98 -6.07 9.61
N LEU B 91 16.98 -5.20 9.45
CA LEU B 91 18.23 -5.53 8.76
C LEU B 91 19.38 -5.40 9.74
N ASN B 92 20.04 -6.51 10.03
CA ASN B 92 21.25 -6.48 10.85
C ASN B 92 22.42 -6.58 9.90
N PHE B 93 23.05 -5.45 9.63
CA PHE B 93 24.03 -5.34 8.56
C PHE B 93 25.37 -5.91 8.98
N GLY B 94 26.08 -6.47 8.01
CA GLY B 94 27.38 -7.03 8.31
C GLY B 94 28.40 -5.99 8.76
N SER B 95 28.24 -4.72 8.35
CA SER B 95 29.22 -3.68 8.67
C SER B 95 28.52 -2.33 8.79
N LYS B 96 29.21 -1.38 9.46
CA LYS B 96 28.71 -0.01 9.49
C LYS B 96 28.62 0.61 8.10
N GLU B 97 29.51 0.24 7.18
CA GLU B 97 29.39 0.78 5.83
C GLU B 97 28.17 0.22 5.14
N ASP B 98 27.93 -1.09 5.27
CA ASP B 98 26.74 -1.72 4.70
C ASP B 98 25.48 -0.97 5.11
N ALA B 99 25.35 -0.66 6.41
CA ALA B 99 24.19 0.06 6.89
C ALA B 99 24.08 1.48 6.29
N ASN B 100 25.20 2.19 6.21
CA ASN B 100 25.12 3.56 5.72
C ASN B 100 24.78 3.61 4.23
N VAL B 101 25.38 2.74 3.40
CA VAL B 101 25.03 2.82 1.98
C VAL B 101 23.59 2.36 1.77
N PHE B 102 23.14 1.35 2.53
CA PHE B 102 21.73 0.99 2.44
C PHE B 102 20.83 2.13 2.92
N ALA B 103 21.15 2.74 4.08
CA ALA B 103 20.32 3.86 4.55
C ALA B 103 20.34 5.01 3.55
N SER B 104 21.52 5.32 3.00
CA SER B 104 21.64 6.38 2.00
C SER B 104 20.70 6.16 0.84
N ALA B 105 20.53 4.93 0.42
CA ALA B 105 19.68 4.64 -0.73
C ALA B 105 18.22 4.60 -0.31
N MET B 106 17.93 4.13 0.90
CA MET B 106 16.56 4.17 1.40
C MET B 106 16.05 5.60 1.51
N MET B 107 16.77 6.45 2.25
CA MET B 107 16.35 7.84 2.36
C MET B 107 16.24 8.52 0.99
N HIS B 108 17.07 8.13 0.04
CA HIS B 108 16.92 8.68 -1.31
C HIS B 108 15.64 8.17 -1.98
N ALA B 109 15.35 6.86 -1.87
CA ALA B 109 14.13 6.33 -2.49
C ALA B 109 12.88 7.00 -1.92
N LEU B 110 12.90 7.35 -0.65
CA LEU B 110 11.74 7.98 -0.01
C LEU B 110 11.56 9.41 -0.51
N GLU B 111 12.66 10.12 -0.75
CA GLU B 111 12.57 11.47 -1.31
C GLU B 111 11.98 11.47 -2.71
N VAL B 112 12.40 10.52 -3.55
CA VAL B 112 12.00 10.49 -4.96
C VAL B 112 10.65 9.83 -5.18
N LEU B 113 10.05 9.20 -4.17
CA LEU B 113 8.72 8.61 -4.32
C LEU B 113 7.63 9.67 -4.13
N SER C 4 -25.47 0.86 20.87
CA SER C 4 -26.55 -0.13 21.04
C SER C 4 -27.11 -0.70 19.72
N GLU C 5 -27.10 0.11 18.66
CA GLU C 5 -27.70 -0.26 17.38
C GLU C 5 -26.87 0.27 16.20
N GLN C 6 -26.64 -0.60 15.22
CA GLN C 6 -25.70 -0.40 14.13
C GLN C 6 -26.37 -0.25 12.77
N SER C 7 -25.91 0.72 11.99
CA SER C 7 -26.38 0.87 10.62
C SER C 7 -25.52 -0.01 9.73
N ILE C 8 -26.12 -1.06 9.16
CA ILE C 8 -25.35 -1.96 8.29
C ILE C 8 -25.46 -1.58 6.81
N CYS C 9 -26.29 -0.60 6.46
CA CYS C 9 -26.26 -0.09 5.09
C CYS C 9 -27.04 1.21 5.07
N GLN C 10 -26.89 1.95 3.97
CA GLN C 10 -27.56 3.23 3.78
C GLN C 10 -27.83 3.41 2.31
N ALA C 11 -29.10 3.49 1.91
CA ALA C 11 -29.46 3.66 0.51
C ALA C 11 -30.25 4.95 0.30
N ARG C 12 -30.24 5.38 -0.96
CA ARG C 12 -31.11 6.45 -1.44
C ARG C 12 -32.33 5.81 -2.10
N ALA C 13 -33.52 6.19 -1.64
CA ALA C 13 -34.73 5.64 -2.24
C ALA C 13 -35.94 6.47 -1.83
N ALA C 14 -36.95 6.45 -2.71
CA ALA C 14 -38.28 6.95 -2.43
C ALA C 14 -39.08 5.86 -1.73
N VAL C 15 -39.53 6.15 -0.52
CA VAL C 15 -40.29 5.18 0.26
C VAL C 15 -41.75 5.31 -0.12
N MET C 16 -42.29 4.26 -0.73
CA MET C 16 -43.70 4.18 -1.02
C MET C 16 -44.37 3.26 -0.01
N VAL C 17 -45.61 3.58 0.31
CA VAL C 17 -46.52 2.62 0.94
C VAL C 17 -47.68 2.40 -0.03
N TYR C 18 -48.29 1.22 0.03
CA TYR C 18 -49.38 0.89 -0.87
C TYR C 18 -50.74 1.21 -0.27
N ASP C 19 -51.55 1.93 -1.03
CA ASP C 19 -52.91 2.29 -0.65
C ASP C 19 -53.86 1.24 -1.23
N ASP C 20 -54.28 0.28 -0.39
CA ASP C 20 -55.21 -0.74 -0.87
C ASP C 20 -56.48 -0.12 -1.41
N ALA C 21 -56.98 0.92 -0.73
CA ALA C 21 -58.29 1.50 -1.05
C ALA C 21 -58.34 2.08 -2.45
N ASN C 22 -57.26 2.70 -2.90
CA ASN C 22 -57.22 3.29 -4.23
C ASN C 22 -56.30 2.55 -5.20
N LYS C 23 -55.89 1.33 -4.87
CA LYS C 23 -54.98 0.55 -5.71
C LYS C 23 -53.84 1.39 -6.29
N LYS C 24 -53.30 2.29 -5.47
CA LYS C 24 -52.23 3.16 -5.92
C LYS C 24 -51.14 3.24 -4.86
N TRP C 25 -49.91 3.41 -5.34
CA TRP C 25 -48.77 3.61 -4.46
C TRP C 25 -48.76 5.05 -4.00
N VAL C 26 -48.54 5.27 -2.71
CA VAL C 26 -48.45 6.63 -2.18
C VAL C 26 -47.11 6.85 -1.49
N PRO C 27 -46.57 8.06 -1.54
CA PRO C 27 -45.29 8.33 -0.90
C PRO C 27 -45.42 8.25 0.61
N ALA C 28 -44.62 7.38 1.22
CA ALA C 28 -44.62 7.26 2.67
C ALA C 28 -44.31 8.61 3.29
N GLY C 29 -45.09 8.98 4.31
CA GLY C 29 -45.02 10.28 4.92
C GLY C 29 -45.94 11.30 4.28
N GLY C 30 -46.56 10.97 3.14
CA GLY C 30 -47.48 11.86 2.51
C GLY C 30 -46.84 12.80 1.53
N SER C 31 -45.50 12.79 1.46
CA SER C 31 -44.74 13.80 0.70
C SER C 31 -43.71 13.10 -0.17
N THR C 32 -43.79 13.35 -1.49
CA THR C 32 -42.89 12.71 -2.45
C THR C 32 -41.46 13.19 -2.27
N GLY C 33 -40.52 12.30 -2.50
CA GLY C 33 -39.13 12.65 -2.39
C GLY C 33 -38.31 11.50 -1.88
N PHE C 34 -36.99 11.61 -2.07
CA PHE C 34 -36.06 10.57 -1.66
C PHE C 34 -35.79 10.65 -0.18
N SER C 35 -35.46 9.48 0.39
CA SER C 35 -35.07 9.37 1.79
C SER C 35 -33.75 8.60 1.86
N ARG C 36 -33.11 8.66 3.01
CA ARG C 36 -32.00 7.79 3.32
C ARG C 36 -32.56 6.65 4.14
N VAL C 37 -32.35 5.43 3.66
CA VAL C 37 -32.98 4.25 4.24
C VAL C 37 -31.87 3.37 4.79
N HIS C 38 -31.93 3.08 6.07
CA HIS C 38 -30.97 2.24 6.75
C HIS C 38 -31.58 0.89 7.08
N ILE C 39 -30.72 -0.11 7.23
CA ILE C 39 -31.03 -1.33 7.94
C ILE C 39 -30.21 -1.33 9.23
N TYR C 40 -30.89 -1.25 10.37
CA TYR C 40 -30.24 -1.15 11.66
C TYR C 40 -30.18 -2.49 12.37
N HIS C 41 -29.06 -2.77 13.03
CA HIS C 41 -28.88 -4.00 13.79
C HIS C 41 -28.71 -3.65 15.26
N HIS C 42 -29.62 -4.15 16.08
CA HIS C 42 -29.49 -4.12 17.53
C HIS C 42 -28.51 -5.21 17.94
N THR C 43 -27.35 -4.81 18.48
CA THR C 43 -26.31 -5.81 18.73
C THR C 43 -26.70 -6.79 19.83
N GLY C 44 -27.32 -6.30 20.90
CA GLY C 44 -27.70 -7.18 21.99
C GLY C 44 -28.79 -8.18 21.61
N ASN C 45 -29.88 -7.69 21.00
CA ASN C 45 -31.04 -8.53 20.74
C ASN C 45 -30.98 -9.30 19.44
N ASN C 46 -30.04 -8.97 18.56
CA ASN C 46 -29.98 -9.56 17.21
C ASN C 46 -31.30 -9.37 16.45
N THR C 47 -31.81 -8.13 16.46
CA THR C 47 -32.99 -7.77 15.69
C THR C 47 -32.67 -6.65 14.72
N PHE C 48 -33.42 -6.60 13.62
CA PHE C 48 -33.21 -5.66 12.52
C PHE C 48 -34.44 -4.82 12.26
N ARG C 49 -34.23 -3.61 11.80
CA ARG C 49 -35.35 -2.81 11.33
C ARG C 49 -34.91 -1.91 10.18
N VAL C 50 -35.87 -1.57 9.33
CA VAL C 50 -35.68 -0.59 8.27
C VAL C 50 -36.12 0.78 8.77
N VAL C 51 -35.24 1.77 8.65
CA VAL C 51 -35.52 3.16 9.03
C VAL C 51 -35.11 4.09 7.89
N GLY C 52 -35.95 5.07 7.59
CA GLY C 52 -35.64 6.04 6.56
C GLY C 52 -36.12 7.44 6.86
N ARG C 53 -35.27 8.47 6.66
CA ARG C 53 -35.67 9.86 6.83
C ARG C 53 -35.51 10.57 5.49
N LYS C 54 -36.47 11.42 5.16
CA LYS C 54 -36.38 12.14 3.90
C LYS C 54 -35.17 13.06 3.91
N ILE C 55 -34.59 13.26 2.73
CA ILE C 55 -33.34 14.00 2.67
C ILE C 55 -33.56 15.48 2.95
N GLN C 56 -34.63 16.06 2.40
CA GLN C 56 -34.85 17.49 2.57
C GLN C 56 -35.19 17.83 4.00
N ASP C 57 -36.26 17.25 4.53
CA ASP C 57 -36.80 17.62 5.82
C ASP C 57 -36.39 16.69 6.97
N HIS C 58 -35.73 15.57 6.69
CA HIS C 58 -35.34 14.58 7.71
C HIS C 58 -36.52 14.02 8.48
N GLN C 59 -37.71 14.10 7.88
CA GLN C 59 -38.87 13.43 8.44
C GLN C 59 -38.71 11.92 8.31
N VAL C 60 -39.02 11.20 9.38
CA VAL C 60 -38.99 9.73 9.38
C VAL C 60 -40.17 9.21 8.57
N VAL C 61 -39.89 8.54 7.45
CA VAL C 61 -40.96 8.04 6.60
C VAL C 61 -41.18 6.54 6.74
N ILE C 62 -40.27 5.81 7.39
CA ILE C 62 -40.45 4.37 7.62
C ILE C 62 -39.60 3.93 8.81
N ASN C 63 -40.13 2.97 9.57
CA ASN C 63 -39.46 2.39 10.74
C ASN C 63 -40.06 1.03 11.05
N CYS C 64 -39.57 -0.01 10.39
CA CYS C 64 -40.32 -1.23 10.20
C CYS C 64 -39.44 -2.43 10.50
N ALA C 65 -39.88 -3.28 11.42
CA ALA C 65 -39.09 -4.42 11.86
C ALA C 65 -38.89 -5.43 10.73
N ILE C 66 -37.73 -6.07 10.73
CA ILE C 66 -37.52 -7.13 9.75
C ILE C 66 -37.69 -8.45 10.49
N PRO C 67 -38.81 -9.15 10.32
CA PRO C 67 -39.05 -10.37 11.06
C PRO C 67 -38.35 -11.55 10.41
N LYS C 68 -38.00 -12.55 11.21
CA LYS C 68 -37.44 -13.71 10.56
C LYS C 68 -38.41 -14.31 9.56
N GLY C 69 -37.88 -14.61 8.38
CA GLY C 69 -38.67 -15.16 7.32
C GLY C 69 -39.42 -14.14 6.53
N LEU C 70 -39.03 -12.86 6.56
CA LEU C 70 -39.70 -11.87 5.73
C LEU C 70 -39.46 -12.18 4.26
N LYS C 71 -40.53 -12.12 3.47
CA LYS C 71 -40.44 -12.28 2.04
C LYS C 71 -40.15 -10.89 1.46
N TYR C 72 -38.93 -10.73 0.96
CA TYR C 72 -38.44 -9.50 0.36
C TYR C 72 -38.41 -9.73 -1.16
N ASN C 73 -39.23 -8.99 -1.88
CA ASN C 73 -39.40 -9.21 -3.30
C ASN C 73 -38.73 -8.09 -4.07
N GLN C 74 -37.83 -8.46 -4.97
CA GLN C 74 -37.13 -7.51 -5.82
C GLN C 74 -37.88 -7.41 -7.14
N ALA C 75 -38.95 -6.62 -7.11
CA ALA C 75 -39.85 -6.49 -8.25
C ALA C 75 -39.08 -6.09 -9.48
N THR C 76 -38.39 -4.96 -9.40
CA THR C 76 -37.48 -4.50 -10.43
C THR C 76 -36.10 -4.44 -9.80
N GLN C 77 -35.12 -4.11 -10.64
CA GLN C 77 -33.77 -3.85 -10.17
C GLN C 77 -33.67 -2.55 -9.40
N THR C 78 -34.70 -1.71 -9.45
CA THR C 78 -34.76 -0.49 -8.68
C THR C 78 -35.99 -0.38 -7.78
N PHE C 79 -36.93 -1.31 -7.85
CA PHE C 79 -38.09 -1.29 -6.96
C PHE C 79 -38.18 -2.60 -6.18
N HIS C 80 -38.09 -2.50 -4.86
CA HIS C 80 -38.25 -3.64 -3.98
C HIS C 80 -39.42 -3.43 -3.04
N GLN C 81 -40.02 -4.54 -2.63
CA GLN C 81 -41.20 -4.48 -1.79
C GLN C 81 -41.24 -5.70 -0.88
N TRP C 82 -41.87 -5.51 0.28
CA TRP C 82 -42.19 -6.59 1.22
C TRP C 82 -43.44 -6.14 1.95
N ARG C 83 -44.08 -7.07 2.66
CA ARG C 83 -45.31 -6.75 3.36
C ARG C 83 -45.26 -7.27 4.79
N ASP C 84 -45.79 -6.46 5.71
CA ASP C 84 -46.12 -6.90 7.06
C ASP C 84 -47.63 -7.15 7.11
N ALA C 85 -48.19 -7.24 8.31
CA ALA C 85 -49.60 -7.57 8.49
C ALA C 85 -50.52 -6.39 8.26
N ARG C 86 -49.99 -5.20 7.98
CA ARG C 86 -50.86 -4.03 7.82
C ARG C 86 -50.59 -3.25 6.53
N GLN C 87 -49.39 -3.32 5.97
CA GLN C 87 -49.06 -2.57 4.75
C GLN C 87 -48.20 -3.40 3.83
N VAL C 88 -48.11 -2.95 2.59
CA VAL C 88 -47.03 -3.33 1.68
C VAL C 88 -46.16 -2.10 1.48
N TYR C 89 -44.86 -2.23 1.79
CA TYR C 89 -43.88 -1.17 1.68
C TYR C 89 -43.09 -1.33 0.40
N GLY C 90 -42.79 -0.23 -0.26
CA GLY C 90 -41.97 -0.26 -1.46
C GLY C 90 -40.78 0.67 -1.35
N LEU C 91 -39.67 0.26 -1.95
CA LEU C 91 -38.48 1.11 -2.06
C LEU C 91 -38.18 1.35 -3.53
N ASN C 92 -38.28 2.60 -3.97
CA ASN C 92 -37.85 2.93 -5.31
C ASN C 92 -36.46 3.55 -5.20
N PHE C 93 -35.44 2.78 -5.57
CA PHE C 93 -34.07 3.18 -5.28
C PHE C 93 -33.57 4.21 -6.28
N GLY C 94 -32.70 5.10 -5.79
CA GLY C 94 -32.06 6.08 -6.64
C GLY C 94 -31.10 5.50 -7.66
N SER C 95 -30.57 4.31 -7.40
CA SER C 95 -29.55 3.74 -8.25
C SER C 95 -29.75 2.23 -8.36
N LYS C 96 -29.21 1.65 -9.43
CA LYS C 96 -29.17 0.20 -9.46
C LYS C 96 -28.30 -0.32 -8.33
N GLU C 97 -27.21 0.40 -8.02
CA GLU C 97 -26.30 -0.07 -6.97
C GLU C 97 -26.92 0.09 -5.59
N ASP C 98 -27.64 1.19 -5.35
CA ASP C 98 -28.37 1.38 -4.09
C ASP C 98 -29.24 0.18 -3.77
N ALA C 99 -29.99 -0.29 -4.77
CA ALA C 99 -30.88 -1.44 -4.59
C ALA C 99 -30.10 -2.70 -4.22
N ASN C 100 -28.96 -2.92 -4.87
CA ASN C 100 -28.22 -4.15 -4.67
C ASN C 100 -27.64 -4.24 -3.27
N VAL C 101 -27.04 -3.15 -2.76
CA VAL C 101 -26.44 -3.23 -1.43
C VAL C 101 -27.53 -3.29 -0.37
N PHE C 102 -28.65 -2.58 -0.57
CA PHE C 102 -29.77 -2.73 0.35
C PHE C 102 -30.27 -4.16 0.33
N ALA C 103 -30.41 -4.74 -0.86
CA ALA C 103 -30.88 -6.11 -0.95
C ALA C 103 -29.91 -7.06 -0.27
N SER C 104 -28.61 -6.88 -0.52
CA SER C 104 -27.58 -7.73 0.07
C SER C 104 -27.61 -7.66 1.60
N ALA C 105 -27.90 -6.47 2.14
CA ALA C 105 -28.00 -6.32 3.58
C ALA C 105 -29.23 -7.03 4.12
N MET C 106 -30.35 -6.90 3.40
CA MET C 106 -31.57 -7.60 3.78
C MET C 106 -31.36 -9.11 3.74
N MET C 107 -30.76 -9.61 2.66
CA MET C 107 -30.47 -11.03 2.53
C MET C 107 -29.65 -11.52 3.72
N HIS C 108 -28.59 -10.81 4.05
CA HIS C 108 -27.78 -11.17 5.20
C HIS C 108 -28.60 -11.14 6.47
N ALA C 109 -29.34 -10.05 6.69
CA ALA C 109 -30.12 -9.93 7.92
C ALA C 109 -31.08 -11.10 8.08
N LEU C 110 -31.70 -11.55 6.97
CA LEU C 110 -32.62 -12.67 7.05
C LEU C 110 -31.88 -13.99 7.30
N GLU C 111 -30.66 -14.13 6.79
CA GLU C 111 -29.87 -15.31 7.11
C GLU C 111 -29.56 -15.35 8.61
N VAL C 112 -29.32 -14.17 9.21
CA VAL C 112 -28.82 -14.07 10.59
C VAL C 112 -29.88 -14.10 11.70
N LEU C 113 -31.16 -13.90 11.38
CA LEU C 113 -32.22 -13.97 12.41
C LEU C 113 -32.59 -15.44 12.67
N SER D 4 32.23 -2.77 0.10
CA SER D 4 33.30 -1.90 -0.42
C SER D 4 32.95 -0.99 -1.63
N GLU D 5 32.22 -1.51 -2.62
CA GLU D 5 31.87 -0.70 -3.77
C GLU D 5 30.59 -1.22 -4.42
N GLN D 6 29.75 -0.27 -4.83
CA GLN D 6 28.33 -0.44 -5.14
C GLN D 6 28.04 -0.29 -6.63
N SER D 7 27.17 -1.16 -7.14
CA SER D 7 26.68 -1.05 -8.51
C SER D 7 25.47 -0.12 -8.52
N ILE D 8 25.62 1.06 -9.12
CA ILE D 8 24.49 1.98 -9.16
C ILE D 8 23.65 1.85 -10.42
N CYS D 9 24.04 1.03 -11.38
CA CYS D 9 23.16 0.81 -12.51
C CYS D 9 23.63 -0.43 -13.24
N GLN D 10 22.76 -0.95 -14.11
CA GLN D 10 23.07 -2.17 -14.87
C GLN D 10 22.31 -2.04 -16.19
N ALA D 11 23.02 -1.72 -17.26
CA ALA D 11 22.42 -1.68 -18.59
C ALA D 11 22.99 -2.78 -19.48
N ARG D 12 22.21 -3.10 -20.50
CA ARG D 12 22.60 -4.05 -21.55
C ARG D 12 23.08 -3.26 -22.76
N ALA D 13 24.31 -3.50 -23.17
CA ALA D 13 24.86 -2.79 -24.30
C ALA D 13 25.95 -3.64 -24.96
N ALA D 14 26.14 -3.39 -26.25
CA ALA D 14 27.30 -3.87 -26.97
C ALA D 14 28.42 -2.85 -26.76
N VAL D 15 29.50 -3.30 -26.14
CA VAL D 15 30.64 -2.43 -25.85
C VAL D 15 31.60 -2.50 -27.03
N MET D 16 31.79 -1.37 -27.70
CA MET D 16 32.79 -1.27 -28.74
C MET D 16 33.92 -0.36 -28.27
N VAL D 17 35.11 -0.68 -28.75
CA VAL D 17 36.24 0.23 -28.71
C VAL D 17 36.56 0.63 -30.14
N TYR D 18 37.14 1.82 -30.30
CA TYR D 18 37.42 2.32 -31.63
C TYR D 18 38.84 2.00 -32.07
N ASP D 19 38.94 1.51 -33.29
CA ASP D 19 40.20 1.22 -33.97
C ASP D 19 40.58 2.44 -34.80
N ASP D 20 41.40 3.33 -34.22
CA ASP D 20 41.82 4.54 -34.93
C ASP D 20 42.50 4.18 -36.24
N ALA D 21 43.29 3.10 -36.23
CA ALA D 21 44.04 2.67 -37.40
C ALA D 21 43.13 2.47 -38.61
N ASN D 22 42.01 1.79 -38.41
CA ASN D 22 41.20 1.28 -39.49
C ASN D 22 39.84 1.97 -39.58
N LYS D 23 39.61 3.01 -38.78
CA LYS D 23 38.36 3.75 -38.79
C LYS D 23 37.14 2.87 -38.47
N LYS D 24 37.40 1.70 -37.90
CA LYS D 24 36.39 0.68 -37.62
C LYS D 24 36.07 0.64 -36.14
N TRP D 25 34.80 0.43 -35.80
CA TRP D 25 34.42 0.10 -34.43
C TRP D 25 34.58 -1.39 -34.26
N VAL D 26 35.23 -1.81 -33.20
CA VAL D 26 35.45 -3.24 -32.98
C VAL D 26 34.83 -3.65 -31.65
N PRO D 27 34.41 -4.90 -31.52
CA PRO D 27 33.80 -5.34 -30.26
C PRO D 27 34.85 -5.41 -29.17
N ALA D 28 34.61 -4.69 -28.07
CA ALA D 28 35.51 -4.78 -26.93
C ALA D 28 35.61 -6.23 -26.49
N GLY D 29 36.84 -6.71 -26.34
CA GLY D 29 37.06 -8.10 -26.05
C GLY D 29 37.22 -8.97 -27.28
N GLY D 30 36.96 -8.44 -28.47
CA GLY D 30 37.17 -9.17 -29.69
C GLY D 30 35.97 -9.96 -30.17
N SER D 31 34.89 -10.00 -29.40
CA SER D 31 33.77 -10.89 -29.65
C SER D 31 32.47 -10.10 -29.65
N THR D 32 31.69 -10.28 -30.73
CA THR D 32 30.41 -9.61 -30.87
C THR D 32 29.41 -10.16 -29.87
N GLY D 33 28.57 -9.29 -29.34
CA GLY D 33 27.56 -9.69 -28.37
C GLY D 33 27.33 -8.63 -27.32
N PHE D 34 26.22 -8.78 -26.60
CA PHE D 34 25.85 -7.86 -25.53
C PHE D 34 26.58 -8.19 -24.24
N SER D 35 26.76 -7.16 -23.42
CA SER D 35 27.35 -7.30 -22.10
C SER D 35 26.45 -6.64 -21.07
N ARG D 36 26.65 -6.96 -19.80
CA ARG D 36 26.05 -6.20 -18.72
C ARG D 36 27.05 -5.15 -18.27
N VAL D 37 26.69 -3.88 -18.43
CA VAL D 37 27.58 -2.77 -18.14
C VAL D 37 27.10 -2.09 -16.85
N HIS D 38 27.97 -2.05 -15.85
CA HIS D 38 27.71 -1.41 -14.56
C HIS D 38 28.49 -0.10 -14.43
N ILE D 39 27.96 0.79 -13.60
CA ILE D 39 28.72 1.91 -13.04
C ILE D 39 28.92 1.61 -11.56
N TYR D 40 30.16 1.39 -11.13
CA TYR D 40 30.47 1.04 -9.75
C TYR D 40 30.93 2.25 -8.97
N HIS D 41 30.46 2.36 -7.72
CA HIS D 41 30.85 3.45 -6.83
C HIS D 41 31.64 2.90 -5.66
N HIS D 42 32.92 3.28 -5.56
CA HIS D 42 33.70 3.00 -4.36
C HIS D 42 33.26 4.02 -3.33
N THR D 43 32.57 3.55 -2.27
CA THR D 43 31.96 4.47 -1.33
C THR D 43 33.01 5.17 -0.48
N GLY D 44 34.09 4.47 -0.13
CA GLY D 44 35.15 5.09 0.64
C GLY D 44 35.87 6.19 -0.13
N ASN D 45 36.28 5.89 -1.38
CA ASN D 45 37.09 6.83 -2.14
C ASN D 45 36.28 7.85 -2.92
N ASN D 46 34.97 7.65 -3.07
CA ASN D 46 34.12 8.45 -3.96
C ASN D 46 34.68 8.46 -5.40
N THR D 47 34.99 7.26 -5.90
CA THR D 47 35.48 7.08 -7.25
C THR D 47 34.56 6.14 -8.05
N PHE D 48 34.51 6.33 -9.37
CA PHE D 48 33.59 5.60 -10.23
C PHE D 48 34.32 4.89 -11.35
N ARG D 49 33.76 3.76 -11.79
CA ARG D 49 34.29 3.13 -12.97
C ARG D 49 33.17 2.42 -13.70
N VAL D 50 33.34 2.28 -15.00
CA VAL D 50 32.45 1.49 -15.83
C VAL D 50 33.02 0.08 -15.92
N VAL D 51 32.22 -0.92 -15.61
CA VAL D 51 32.64 -2.31 -15.71
C VAL D 51 31.60 -3.07 -16.52
N GLY D 52 32.05 -3.90 -17.44
CA GLY D 52 31.12 -4.70 -18.20
C GLY D 52 31.60 -6.10 -18.51
N ARG D 53 30.74 -7.09 -18.29
CA ARG D 53 31.04 -8.46 -18.67
C ARG D 53 30.05 -8.87 -19.73
N LYS D 54 30.55 -9.54 -20.75
CA LYS D 54 29.69 -10.01 -21.83
C LYS D 54 28.69 -10.99 -21.26
N ILE D 55 27.50 -11.06 -21.87
CA ILE D 55 26.42 -11.81 -21.23
C ILE D 55 26.69 -13.31 -21.23
N GLN D 56 27.21 -13.85 -22.33
CA GLN D 56 27.42 -15.28 -22.39
C GLN D 56 28.68 -15.74 -21.65
N ASP D 57 29.79 -15.04 -21.85
CA ASP D 57 31.08 -15.58 -21.39
C ASP D 57 31.45 -15.12 -19.99
N HIS D 58 30.83 -14.05 -19.49
CA HIS D 58 31.18 -13.38 -18.25
C HIS D 58 32.64 -12.88 -18.26
N GLN D 59 33.20 -12.76 -19.48
CA GLN D 59 34.46 -12.07 -19.73
C GLN D 59 34.29 -10.58 -19.54
N VAL D 60 35.26 -9.96 -18.86
CA VAL D 60 35.27 -8.51 -18.74
C VAL D 60 35.67 -7.91 -20.08
N VAL D 61 34.75 -7.12 -20.68
CA VAL D 61 35.07 -6.46 -21.94
C VAL D 61 35.40 -4.99 -21.74
N ILE D 62 35.14 -4.43 -20.56
CA ILE D 62 35.47 -3.04 -20.28
C ILE D 62 35.62 -2.85 -18.77
N ASN D 63 36.59 -2.02 -18.38
CA ASN D 63 36.85 -1.77 -16.96
C ASN D 63 37.56 -0.42 -16.80
N CYS D 64 36.82 0.66 -16.94
CA CYS D 64 37.36 1.97 -17.24
C CYS D 64 36.97 2.94 -16.15
N ALA D 65 37.96 3.60 -15.55
CA ALA D 65 37.69 4.62 -14.55
C ALA D 65 36.93 5.79 -15.16
N ILE D 66 36.06 6.41 -14.35
CA ILE D 66 35.33 7.61 -14.76
C ILE D 66 36.01 8.82 -14.09
N PRO D 67 36.74 9.62 -14.83
CA PRO D 67 37.45 10.75 -14.24
C PRO D 67 36.50 11.92 -14.00
N LYS D 68 36.96 12.82 -13.13
CA LYS D 68 36.20 14.00 -12.69
C LYS D 68 35.70 14.86 -13.84
N GLY D 69 36.28 14.79 -15.03
CA GLY D 69 35.68 15.61 -16.06
C GLY D 69 35.26 14.89 -17.32
N LEU D 70 35.03 13.57 -17.28
CA LEU D 70 34.82 12.83 -18.51
C LEU D 70 33.72 13.48 -19.32
N LYS D 71 34.04 13.76 -20.57
CA LYS D 71 33.04 14.22 -21.54
C LYS D 71 32.34 12.97 -22.04
N TYR D 72 31.06 12.86 -21.71
CA TYR D 72 30.22 11.73 -22.10
C TYR D 72 29.32 12.19 -23.24
N ASN D 73 29.50 11.60 -24.41
CA ASN D 73 28.81 12.05 -25.61
C ASN D 73 27.71 11.05 -25.91
N GLN D 74 26.47 11.53 -25.97
CA GLN D 74 25.35 10.67 -26.34
C GLN D 74 25.11 10.88 -27.83
N ALA D 75 25.90 10.18 -28.62
CA ALA D 75 25.84 10.35 -30.06
C ALA D 75 24.42 10.12 -30.56
N THR D 76 23.85 8.95 -30.27
CA THR D 76 22.46 8.64 -30.58
C THR D 76 21.73 8.28 -29.29
N GLN D 77 20.43 8.01 -29.40
CA GLN D 77 19.70 7.58 -28.23
C GLN D 77 20.09 6.17 -27.78
N THR D 78 20.78 5.39 -28.62
CA THR D 78 21.24 4.08 -28.21
C THR D 78 22.74 3.90 -28.30
N PHE D 79 23.48 4.89 -28.80
CA PHE D 79 24.93 4.83 -28.84
C PHE D 79 25.51 6.02 -28.09
N HIS D 80 26.25 5.72 -27.02
CA HIS D 80 26.97 6.74 -26.28
C HIS D 80 28.46 6.44 -26.31
N GLN D 81 29.28 7.49 -26.23
CA GLN D 81 30.72 7.30 -26.30
C GLN D 81 31.43 8.35 -25.44
N TRP D 82 32.64 7.99 -24.99
CA TRP D 82 33.55 8.88 -24.29
C TRP D 82 34.98 8.49 -24.62
N ARG D 83 35.92 9.35 -24.22
CA ARG D 83 37.32 9.20 -24.60
C ARG D 83 38.18 9.21 -23.34
N ASP D 84 39.26 8.41 -23.37
CA ASP D 84 40.33 8.58 -22.40
C ASP D 84 41.63 8.85 -23.15
N ALA D 85 42.77 8.62 -22.49
CA ALA D 85 44.06 8.96 -23.11
C ALA D 85 44.42 7.98 -24.21
N ARG D 86 43.89 6.76 -24.16
CA ARG D 86 44.23 5.73 -25.15
C ARG D 86 43.12 5.52 -26.18
N GLN D 87 41.94 5.07 -25.75
CA GLN D 87 40.88 4.65 -26.67
C GLN D 87 39.68 5.58 -26.64
N VAL D 88 38.79 5.33 -27.60
CA VAL D 88 37.41 5.81 -27.58
C VAL D 88 36.50 4.60 -27.33
N TYR D 89 35.71 4.66 -26.25
CA TYR D 89 34.81 3.57 -25.89
C TYR D 89 33.39 3.92 -26.30
N GLY D 90 32.69 2.93 -26.83
CA GLY D 90 31.30 3.13 -27.21
C GLY D 90 30.42 2.07 -26.57
N LEU D 91 29.23 2.49 -26.18
CA LEU D 91 28.21 1.56 -25.70
C LEU D 91 27.02 1.67 -26.63
N ASN D 92 26.70 0.58 -27.32
CA ASN D 92 25.46 0.53 -28.09
C ASN D 92 24.41 -0.22 -27.27
N PHE D 93 23.48 0.53 -26.69
CA PHE D 93 22.55 -0.03 -25.72
C PHE D 93 21.44 -0.80 -26.41
N GLY D 94 20.95 -1.83 -25.72
CA GLY D 94 19.86 -2.65 -26.22
C GLY D 94 18.53 -1.92 -26.34
N SER D 95 18.31 -0.87 -25.54
CA SER D 95 17.03 -0.19 -25.56
C SER D 95 17.26 1.30 -25.35
N LYS D 96 16.26 2.09 -25.75
CA LYS D 96 16.31 3.50 -25.43
C LYS D 96 16.33 3.73 -23.93
N GLU D 97 15.65 2.87 -23.16
CA GLU D 97 15.63 3.03 -21.71
C GLU D 97 16.96 2.68 -21.07
N ASP D 98 17.61 1.61 -21.52
CA ASP D 98 18.93 1.23 -21.02
C ASP D 98 19.86 2.42 -21.07
N ALA D 99 19.88 3.09 -22.23
CA ALA D 99 20.71 4.26 -22.44
C ALA D 99 20.35 5.39 -21.47
N ASN D 100 19.06 5.62 -21.23
CA ASN D 100 18.67 6.73 -20.36
C ASN D 100 19.15 6.52 -18.93
N VAL D 101 18.96 5.31 -18.39
CA VAL D 101 19.33 5.12 -16.99
C VAL D 101 20.85 5.11 -16.85
N PHE D 102 21.56 4.51 -17.82
CA PHE D 102 23.02 4.60 -17.78
C PHE D 102 23.47 6.04 -17.89
N ALA D 103 22.85 6.80 -18.78
CA ALA D 103 23.24 8.19 -18.98
C ALA D 103 23.06 9.00 -17.70
N SER D 104 21.93 8.83 -17.01
CA SER D 104 21.70 9.59 -15.79
C SER D 104 22.53 9.10 -14.60
N ALA D 105 22.96 7.84 -14.60
CA ALA D 105 23.93 7.40 -13.61
C ALA D 105 25.30 7.99 -13.90
N MET D 106 25.66 8.08 -15.18
CA MET D 106 26.90 8.75 -15.57
C MET D 106 26.85 10.23 -15.22
N MET D 107 25.75 10.91 -15.57
CA MET D 107 25.61 12.33 -15.25
C MET D 107 25.66 12.56 -13.75
N HIS D 108 25.11 11.62 -12.98
CA HIS D 108 25.19 11.72 -11.52
C HIS D 108 26.62 11.53 -11.04
N ALA D 109 27.31 10.50 -11.57
CA ALA D 109 28.67 10.23 -11.14
C ALA D 109 29.59 11.43 -11.39
N LEU D 110 29.39 12.14 -12.50
CA LEU D 110 30.22 13.30 -12.80
C LEU D 110 29.92 14.48 -11.87
N GLU D 111 28.67 14.65 -11.45
CA GLU D 111 28.35 15.69 -10.49
C GLU D 111 28.97 15.42 -9.12
N VAL D 112 29.00 14.16 -8.68
CA VAL D 112 29.49 13.88 -7.32
C VAL D 112 31.00 13.73 -7.24
N LEU D 113 31.70 13.65 -8.36
CA LEU D 113 33.15 13.52 -8.36
C LEU D 113 33.85 14.86 -8.12
N TRP E 2 -48.45 -9.42 -4.63
CA TRP E 2 -47.56 -8.29 -4.81
C TRP E 2 -48.16 -7.25 -5.74
N PRO E 3 -48.41 -6.05 -5.24
CA PRO E 3 -48.86 -4.95 -6.13
C PRO E 3 -47.85 -4.72 -7.24
N PRO E 4 -48.28 -4.15 -8.36
CA PRO E 4 -47.36 -3.89 -9.47
C PRO E 4 -46.42 -2.74 -9.11
N PRO E 5 -45.27 -2.64 -9.76
CA PRO E 5 -44.35 -1.54 -9.45
C PRO E 5 -45.00 -0.21 -9.76
N PRO E 6 -44.63 0.84 -9.01
CA PRO E 6 -45.34 2.11 -9.16
C PRO E 6 -45.03 2.77 -10.49
N THR E 7 -46.03 3.42 -11.04
CA THR E 7 -45.84 4.21 -12.23
C THR E 7 -45.12 5.53 -11.89
N GLU E 8 -44.47 6.12 -12.90
CA GLU E 8 -43.80 7.40 -12.71
C GLU E 8 -44.77 8.47 -12.22
N ASP E 9 -46.08 8.27 -12.41
CA ASP E 9 -47.07 9.22 -11.92
C ASP E 9 -47.28 9.09 -10.42
N GLU E 10 -47.27 7.86 -9.89
CA GLU E 10 -47.61 7.65 -8.48
C GLU E 10 -46.53 8.21 -7.56
N LEU E 11 -45.26 8.07 -7.93
CA LEU E 11 -44.17 8.60 -7.12
C LEU E 11 -43.66 9.94 -7.66
N TRP F 2 4.26 -4.19 18.83
CA TRP F 2 3.04 -3.50 19.24
C TRP F 2 3.40 -2.72 20.50
N PRO F 3 3.14 -1.42 20.48
CA PRO F 3 3.32 -0.63 21.70
C PRO F 3 2.35 -1.11 22.76
N PRO F 4 2.69 -0.94 24.03
CA PRO F 4 1.72 -1.25 25.08
C PRO F 4 0.53 -0.32 24.95
N PRO F 5 -0.60 -0.71 25.50
CA PRO F 5 -1.79 0.18 25.47
C PRO F 5 -1.58 1.46 26.27
N PRO F 6 -2.39 2.48 26.00
CA PRO F 6 -2.24 3.75 26.71
C PRO F 6 -2.49 3.55 28.19
N THR F 7 -1.64 4.14 29.01
CA THR F 7 -1.95 4.28 30.43
C THR F 7 -3.07 5.30 30.60
N GLU F 8 -3.60 5.39 31.82
CA GLU F 8 -4.61 6.42 32.07
C GLU F 8 -4.08 7.84 31.84
N ASP F 9 -2.75 8.05 31.93
CA ASP F 9 -2.15 9.34 31.64
C ASP F 9 -2.44 9.76 30.20
N GLU F 10 -2.19 8.87 29.25
CA GLU F 10 -2.41 9.17 27.84
C GLU F 10 -3.88 9.31 27.48
N LEU F 11 -4.78 8.72 28.28
CA LEU F 11 -6.20 8.78 28.02
C LEU F 11 -6.70 10.15 28.48
N TRP G 2 8.48 0.37 18.17
CA TRP G 2 9.66 -0.27 17.59
C TRP G 2 10.23 -1.27 18.56
N PRO G 3 10.33 -2.52 18.13
CA PRO G 3 10.97 -3.54 18.97
C PRO G 3 12.44 -3.20 19.18
N PRO G 4 13.04 -3.69 20.26
CA PRO G 4 14.47 -3.45 20.51
C PRO G 4 15.32 -4.13 19.45
N PRO G 5 16.60 -3.76 19.34
CA PRO G 5 17.48 -4.42 18.37
C PRO G 5 17.64 -5.89 18.73
N PRO G 6 17.96 -6.75 17.76
CA PRO G 6 18.14 -8.17 18.08
C PRO G 6 19.32 -8.36 19.02
N THR G 7 19.17 -9.32 19.93
CA THR G 7 20.27 -9.76 20.76
C THR G 7 21.05 -10.85 20.02
N GLU G 8 22.22 -11.21 20.55
CA GLU G 8 23.03 -12.19 19.84
C GLU G 8 22.42 -13.58 19.83
N ASP G 9 21.43 -13.84 20.68
CA ASP G 9 20.73 -15.11 20.67
C ASP G 9 19.81 -15.24 19.48
N GLU G 10 19.23 -14.14 19.03
CA GLU G 10 18.37 -14.16 17.85
C GLU G 10 19.16 -14.13 16.55
N LEU G 11 20.41 -13.67 16.59
CA LEU G 11 21.14 -13.46 15.36
C LEU G 11 21.88 -14.73 14.98
N TRP H 2 34.78 13.07 -32.16
CA TRP H 2 33.92 11.92 -31.98
C TRP H 2 33.77 11.12 -33.25
N PRO H 3 34.13 9.83 -33.23
CA PRO H 3 33.88 8.98 -34.39
C PRO H 3 32.39 8.85 -34.63
N PRO H 4 31.97 8.62 -35.88
CA PRO H 4 30.55 8.44 -36.15
C PRO H 4 30.04 7.15 -35.54
N PRO H 5 28.75 7.09 -35.17
CA PRO H 5 28.23 5.87 -34.54
C PRO H 5 28.34 4.68 -35.48
N PRO H 6 28.38 3.46 -34.96
CA PRO H 6 28.80 2.32 -35.78
C PRO H 6 27.75 1.91 -36.80
N THR H 7 28.22 1.37 -37.93
CA THR H 7 27.32 0.70 -38.84
C THR H 7 26.68 -0.51 -38.15
N GLU H 8 25.39 -0.74 -38.43
CA GLU H 8 24.75 -1.88 -37.80
C GLU H 8 25.33 -3.19 -38.32
N ASP H 9 26.09 -3.15 -39.43
CA ASP H 9 26.91 -4.29 -39.82
C ASP H 9 28.12 -4.44 -38.90
N GLU H 10 28.61 -3.32 -38.32
CA GLU H 10 29.74 -3.40 -37.39
C GLU H 10 29.35 -4.06 -36.07
N LEU H 11 28.08 -4.05 -35.72
CA LEU H 11 27.65 -4.62 -34.45
C LEU H 11 26.62 -5.74 -34.63
N TRP I 2 30.65 -10.27 -11.07
CA TRP I 2 31.41 -9.54 -10.07
C TRP I 2 32.52 -8.73 -10.75
N PRO I 3 32.96 -7.64 -10.14
CA PRO I 3 33.94 -6.75 -10.80
C PRO I 3 35.37 -7.18 -10.54
N PRO I 4 36.30 -6.91 -11.46
CA PRO I 4 37.72 -7.24 -11.23
C PRO I 4 38.36 -6.26 -10.26
N PRO I 5 39.54 -6.56 -9.73
CA PRO I 5 40.30 -5.57 -8.93
C PRO I 5 40.45 -4.27 -9.70
N PRO I 6 40.24 -3.13 -9.04
CA PRO I 6 40.04 -1.87 -9.77
C PRO I 6 41.29 -1.33 -10.44
N THR I 7 41.86 -2.11 -11.36
CA THR I 7 42.98 -1.63 -12.17
C THR I 7 42.51 -1.41 -13.61
N GLU I 8 42.12 -0.18 -13.94
N TRP J 2 21.11 -12.68 -6.41
CA TRP J 2 21.05 -11.69 -7.49
C TRP J 2 19.60 -11.43 -8.03
N PRO J 3 19.09 -12.22 -8.98
CA PRO J 3 17.92 -11.77 -9.80
C PRO J 3 16.67 -11.55 -8.97
N PRO J 4 15.87 -10.54 -9.28
CA PRO J 4 14.71 -10.22 -8.43
C PRO J 4 13.52 -11.08 -8.80
N PRO J 5 12.74 -11.52 -7.82
CA PRO J 5 11.52 -12.25 -8.13
C PRO J 5 10.55 -11.38 -8.89
N PRO J 6 9.70 -11.97 -9.72
CA PRO J 6 8.72 -11.17 -10.46
C PRO J 6 7.58 -10.77 -9.55
N THR J 7 7.17 -9.50 -9.64
CA THR J 7 6.10 -8.94 -8.81
C THR J 7 6.46 -9.16 -7.34
N GLU J 8 5.54 -8.86 -6.41
CA GLU J 8 5.83 -9.00 -4.98
C GLU J 8 4.65 -9.41 -4.11
N ASP J 9 4.95 -9.96 -2.94
N PRO K 3 -29.74 9.05 12.67
CA PRO K 3 -30.44 9.36 13.93
C PRO K 3 -31.79 8.62 14.04
N PRO K 4 -31.77 7.39 14.52
CA PRO K 4 -32.98 6.54 14.46
C PRO K 4 -33.92 6.80 15.64
N PRO K 5 -35.23 6.69 15.43
CA PRO K 5 -36.19 6.82 16.53
C PRO K 5 -36.37 5.48 17.23
N PRO K 6 -36.69 5.49 18.53
CA PRO K 6 -36.95 4.27 19.32
C PRO K 6 -38.23 3.55 18.90
N TRP L 2 -19.53 10.45 8.26
CA TRP L 2 -20.82 11.01 7.83
C TRP L 2 -20.75 12.52 7.75
N PRO L 3 -20.37 13.04 6.56
CA PRO L 3 -19.82 12.33 5.40
C PRO L 3 -18.32 11.97 5.49
N PRO L 4 -17.90 10.95 4.75
CA PRO L 4 -16.47 10.66 4.64
C PRO L 4 -15.77 11.76 3.85
N PRO L 5 -14.51 12.01 4.11
CA PRO L 5 -13.74 12.90 3.27
C PRO L 5 -13.32 12.17 2.01
N PRO L 6 -12.70 12.84 1.05
CA PRO L 6 -12.10 12.11 -0.08
C PRO L 6 -11.00 11.19 0.41
N THR L 7 -10.71 10.17 -0.39
CA THR L 7 -9.80 9.12 0.03
C THR L 7 -8.36 9.65 0.12
N GLU L 8 -7.55 8.98 0.93
CA GLU L 8 -6.13 9.36 1.07
C GLU L 8 -5.28 8.87 -0.10
#